data_1T29
#
_entry.id   1T29
#
_cell.length_a   63.177
_cell.length_b   63.177
_cell.length_c   105.532
_cell.angle_alpha   90.00
_cell.angle_beta   90.00
_cell.angle_gamma   120.00
#
_symmetry.space_group_name_H-M   'P 32 2 1'
#
loop_
_entity.id
_entity.type
_entity.pdbx_description
1 polymer 'Breast cancer type 1 susceptibility protein'
2 polymer 'BACH1 phosphorylated peptide'
3 water water
#
loop_
_entity_poly.entity_id
_entity_poly.type
_entity_poly.pdbx_seq_one_letter_code
_entity_poly.pdbx_strand_id
1 'polypeptide(L)'
;VNKRMSMVVSGLTPEEFMLVYKFARKHHITLTNLITEETTHVVMKTDAEFVCERTLKYFLGIAGGKWVVSYFWVTQSIKE
RKMLNEHDFEVRGDVVNGRNHQGPKRARESQDRKIFRGLEICCYGPFTNMPTDQLEWMVQLCGASVVKELSSFTLGTGVH
PIVVVQPDAWTEDNGFHAIGQMCEAPVVTREWVLDSVALYQCQELDTYLIPQIP
;
A
2 'polypeptide(L)' ISRST(SEP)PTFNKQTK B
#
# COMPACT_ATOMS: atom_id res chain seq x y z
N ARG A 4 -7.38 20.82 4.45
CA ARG A 4 -6.17 20.52 5.29
C ARG A 4 -6.47 19.34 6.24
N MET A 5 -5.43 18.83 6.90
CA MET A 5 -5.47 17.68 7.81
C MET A 5 -6.73 16.83 7.88
N SER A 6 -6.59 15.59 7.39
CA SER A 6 -7.66 14.60 7.36
C SER A 6 -7.06 13.23 7.67
N MET A 7 -7.38 12.72 8.86
CA MET A 7 -6.88 11.44 9.36
C MET A 7 -7.65 10.17 9.02
N VAL A 8 -6.90 9.09 9.12
CA VAL A 8 -7.40 7.74 8.91
C VAL A 8 -6.60 6.94 9.94
N VAL A 9 -7.19 5.86 10.43
CA VAL A 9 -6.51 5.01 11.44
C VAL A 9 -6.42 3.55 10.97
N SER A 10 -5.39 2.84 11.42
CA SER A 10 -5.19 1.45 11.02
C SER A 10 -4.51 0.64 12.14
N GLY A 11 -5.13 -0.49 12.51
CA GLY A 11 -4.56 -1.33 13.56
C GLY A 11 -4.92 -0.90 14.97
N LEU A 12 -5.77 0.11 15.08
CA LEU A 12 -6.16 0.59 16.39
C LEU A 12 -7.45 -0.07 16.87
N THR A 13 -7.51 -0.33 18.17
CA THR A 13 -8.70 -0.89 18.77
C THR A 13 -9.68 0.31 18.85
N PRO A 14 -10.97 0.05 19.14
CA PRO A 14 -11.90 1.19 19.23
C PRO A 14 -11.39 2.19 20.27
N GLU A 15 -10.79 1.65 21.32
CA GLU A 15 -10.21 2.42 22.42
C GLU A 15 -9.18 3.44 21.91
N GLU A 16 -8.16 2.96 21.21
CA GLU A 16 -7.13 3.85 20.69
C GLU A 16 -7.75 4.83 19.71
N PHE A 17 -8.79 4.40 18.99
CA PHE A 17 -9.44 5.27 18.03
C PHE A 17 -9.98 6.52 18.71
N MET A 18 -10.39 6.40 19.97
CA MET A 18 -10.94 7.55 20.69
C MET A 18 -9.86 8.54 21.07
N LEU A 19 -8.71 8.05 21.53
CA LEU A 19 -7.61 8.93 21.88
C LEU A 19 -7.29 9.77 20.66
N VAL A 20 -7.47 9.15 19.49
CA VAL A 20 -7.23 9.87 18.24
C VAL A 20 -8.38 10.85 18.03
N TYR A 21 -9.60 10.40 18.25
CA TYR A 21 -10.77 11.27 18.08
C TYR A 21 -10.63 12.46 19.02
N LYS A 22 -10.21 12.20 20.25
CA LYS A 22 -10.01 13.25 21.26
C LYS A 22 -8.91 14.18 20.78
N PHE A 23 -7.93 13.61 20.10
CA PHE A 23 -6.81 14.36 19.55
C PHE A 23 -7.23 15.13 18.30
N ALA A 24 -8.04 14.49 17.45
CA ALA A 24 -8.52 15.10 16.22
C ALA A 24 -9.50 16.23 16.56
N ARG A 25 -10.27 16.02 17.63
CA ARG A 25 -11.27 16.98 18.10
C ARG A 25 -10.57 18.29 18.47
N LYS A 26 -9.69 18.20 19.45
CA LYS A 26 -8.92 19.33 19.94
C LYS A 26 -8.29 20.12 18.79
N HIS A 27 -7.44 19.46 18.01
CA HIS A 27 -6.72 20.10 16.91
C HIS A 27 -7.51 20.35 15.63
N HIS A 28 -8.80 20.00 15.64
CA HIS A 28 -9.66 20.20 14.47
C HIS A 28 -9.20 19.48 13.21
N ILE A 29 -8.91 18.19 13.36
CA ILE A 29 -8.47 17.39 12.23
C ILE A 29 -9.68 16.57 11.78
N THR A 30 -9.82 16.36 10.49
CA THR A 30 -10.94 15.58 9.97
C THR A 30 -10.64 14.09 10.08
N LEU A 31 -11.07 13.46 11.18
CA LEU A 31 -10.83 12.04 11.41
C LEU A 31 -11.96 11.16 10.90
N THR A 32 -11.62 10.07 10.20
CA THR A 32 -12.64 9.17 9.66
C THR A 32 -12.16 7.72 9.46
N ASN A 33 -13.07 6.86 9.02
CA ASN A 33 -12.79 5.45 8.81
C ASN A 33 -12.26 5.09 7.42
N LEU A 34 -12.81 5.74 6.40
CA LEU A 34 -12.40 5.47 5.02
C LEU A 34 -11.27 6.38 4.57
N ILE A 35 -10.31 5.80 3.87
CA ILE A 35 -9.17 6.56 3.37
C ILE A 35 -9.50 7.10 1.99
N THR A 36 -9.45 8.42 1.84
CA THR A 36 -9.78 9.06 0.57
C THR A 36 -8.64 9.84 -0.06
N GLU A 37 -8.95 10.63 -1.07
CA GLU A 37 -7.93 11.42 -1.75
C GLU A 37 -7.61 12.67 -0.92
N GLU A 38 -8.55 13.10 -0.08
CA GLU A 38 -8.35 14.29 0.75
C GLU A 38 -7.59 13.96 2.04
N THR A 39 -7.40 12.68 2.30
CA THR A 39 -6.69 12.28 3.50
C THR A 39 -5.24 12.72 3.39
N THR A 40 -4.72 13.26 4.47
CA THR A 40 -3.34 13.72 4.49
C THR A 40 -2.48 12.84 5.40
N HIS A 41 -3.09 12.20 6.40
CA HIS A 41 -2.39 11.34 7.35
C HIS A 41 -3.01 9.96 7.56
N VAL A 42 -2.16 8.95 7.65
CA VAL A 42 -2.55 7.57 7.93
C VAL A 42 -1.85 7.24 9.24
N VAL A 43 -2.62 7.10 10.31
CA VAL A 43 -2.02 6.80 11.60
C VAL A 43 -2.00 5.29 11.82
N MET A 44 -0.78 4.75 11.90
CA MET A 44 -0.59 3.32 12.05
C MET A 44 -0.23 2.88 13.46
N LYS A 45 -0.81 1.75 13.89
CA LYS A 45 -0.45 1.19 15.18
C LYS A 45 0.96 0.65 14.88
N THR A 46 1.92 0.92 15.76
CA THR A 46 3.29 0.43 15.56
C THR A 46 3.90 -0.01 16.87
N ASP A 47 5.09 -0.57 16.80
CA ASP A 47 5.78 -0.95 18.02
C ASP A 47 6.62 0.27 18.38
N ALA A 48 7.36 0.19 19.48
CA ALA A 48 8.18 1.31 19.93
C ALA A 48 9.19 1.79 18.91
N GLU A 49 9.47 0.97 17.92
CA GLU A 49 10.44 1.35 16.92
C GLU A 49 9.79 1.82 15.62
N PHE A 50 8.49 2.11 15.68
CA PHE A 50 7.73 2.61 14.55
C PHE A 50 7.61 1.63 13.38
N VAL A 51 7.49 0.35 13.68
CA VAL A 51 7.32 -0.66 12.64
C VAL A 51 5.85 -1.09 12.71
N CYS A 52 5.20 -1.19 11.56
CA CYS A 52 3.80 -1.56 11.57
C CYS A 52 3.56 -2.83 10.75
N GLU A 53 2.32 -3.27 10.68
CA GLU A 53 1.98 -4.43 9.87
C GLU A 53 1.43 -3.81 8.58
N ARG A 54 1.43 -4.57 7.50
CA ARG A 54 0.93 -4.04 6.22
C ARG A 54 -0.58 -4.18 6.03
N THR A 55 -1.29 -3.05 6.10
CA THR A 55 -2.72 -3.06 5.90
C THR A 55 -2.96 -2.30 4.59
N LEU A 56 -4.18 -2.35 4.09
CA LEU A 56 -4.50 -1.63 2.86
C LEU A 56 -4.17 -0.14 3.02
N LYS A 57 -4.58 0.44 4.15
CA LYS A 57 -4.33 1.84 4.43
C LYS A 57 -2.85 2.17 4.39
N TYR A 58 -2.02 1.26 4.89
CA TYR A 58 -0.56 1.45 4.89
C TYR A 58 -0.05 1.61 3.45
N PHE A 59 -0.47 0.69 2.57
CA PHE A 59 -0.09 0.72 1.17
C PHE A 59 -0.54 1.99 0.46
N LEU A 60 -1.80 2.37 0.71
CA LEU A 60 -2.37 3.56 0.08
C LEU A 60 -1.79 4.84 0.63
N GLY A 61 -1.45 4.85 1.92
CA GLY A 61 -0.86 6.04 2.52
C GLY A 61 0.47 6.30 1.84
N ILE A 62 1.26 5.24 1.68
CA ILE A 62 2.57 5.34 1.03
C ILE A 62 2.38 5.79 -0.41
N ALA A 63 1.58 5.05 -1.17
CA ALA A 63 1.31 5.35 -2.56
C ALA A 63 0.89 6.80 -2.81
N GLY A 64 0.11 7.36 -1.90
CA GLY A 64 -0.35 8.72 -2.07
C GLY A 64 0.61 9.76 -1.56
N GLY A 65 1.73 9.29 -1.01
CA GLY A 65 2.72 10.21 -0.47
C GLY A 65 2.20 10.97 0.73
N LYS A 66 1.35 10.32 1.53
CA LYS A 66 0.77 10.96 2.70
C LYS A 66 1.65 10.75 3.91
N TRP A 67 1.26 11.34 5.03
CA TRP A 67 2.00 11.13 6.26
C TRP A 67 1.50 9.78 6.82
N VAL A 68 2.41 8.82 6.88
CA VAL A 68 2.12 7.50 7.42
C VAL A 68 2.93 7.59 8.72
N VAL A 69 2.21 7.84 9.81
CA VAL A 69 2.83 8.08 11.10
C VAL A 69 2.42 7.13 12.21
N SER A 70 3.34 6.88 13.13
CA SER A 70 3.06 5.99 14.24
C SER A 70 1.99 6.60 15.13
N TYR A 71 1.14 5.73 15.68
CA TYR A 71 0.09 6.16 16.59
C TYR A 71 0.71 6.86 17.78
N PHE A 72 2.03 6.69 17.96
CA PHE A 72 2.73 7.34 19.05
C PHE A 72 2.79 8.86 18.88
N TRP A 73 2.53 9.32 17.66
CA TRP A 73 2.51 10.74 17.36
C TRP A 73 1.36 11.35 18.16
N VAL A 74 0.24 10.63 18.21
CA VAL A 74 -0.93 11.09 18.94
C VAL A 74 -0.72 11.03 20.44
N THR A 75 -0.41 9.84 20.96
CA THR A 75 -0.20 9.69 22.39
C THR A 75 0.83 10.65 22.97
N GLN A 76 1.97 10.81 22.29
CA GLN A 76 2.98 11.70 22.81
C GLN A 76 2.54 13.16 22.71
N SER A 77 1.85 13.53 21.63
CA SER A 77 1.38 14.92 21.52
C SER A 77 0.40 15.15 22.68
N ILE A 78 -0.60 14.27 22.75
CA ILE A 78 -1.62 14.31 23.81
C ILE A 78 -0.92 14.49 25.17
N LYS A 79 0.27 13.93 25.27
CA LYS A 79 1.05 14.00 26.50
C LYS A 79 1.65 15.38 26.71
N GLU A 80 2.19 15.97 25.65
CA GLU A 80 2.81 17.29 25.74
C GLU A 80 1.85 18.39 25.34
N ARG A 81 0.56 18.07 25.42
CA ARG A 81 -0.53 18.99 25.10
C ARG A 81 -0.30 19.81 23.84
N LYS A 82 0.66 19.40 23.02
CA LYS A 82 0.96 20.13 21.80
C LYS A 82 1.24 19.16 20.65
N MET A 83 0.73 19.50 19.46
CA MET A 83 0.91 18.67 18.29
C MET A 83 2.36 18.64 17.81
N LEU A 84 2.97 17.48 17.96
CA LEU A 84 4.36 17.27 17.58
C LEU A 84 4.58 17.15 16.08
N ASN A 85 5.84 17.11 15.67
CA ASN A 85 6.17 17.00 14.25
C ASN A 85 5.97 15.60 13.68
N GLU A 86 5.21 15.50 12.59
CA GLU A 86 4.98 14.20 11.97
C GLU A 86 6.27 13.49 11.61
N HIS A 87 7.26 14.23 11.13
CA HIS A 87 8.53 13.62 10.71
C HIS A 87 9.19 12.84 11.85
N ASP A 88 9.03 13.31 13.08
CA ASP A 88 9.60 12.65 14.25
C ASP A 88 8.92 11.33 14.59
N PHE A 89 7.81 11.02 13.91
CA PHE A 89 7.08 9.80 14.19
C PHE A 89 6.65 9.01 12.95
N GLU A 90 7.27 9.31 11.83
CA GLU A 90 6.94 8.64 10.59
C GLU A 90 7.31 7.16 10.66
N VAL A 91 6.43 6.30 10.14
CA VAL A 91 6.66 4.84 10.11
C VAL A 91 7.97 4.55 9.41
N ARG A 92 8.85 3.79 10.07
CA ARG A 92 10.17 3.47 9.55
C ARG A 92 10.24 2.19 8.72
N GLY A 93 9.23 1.33 8.86
CA GLY A 93 9.21 0.07 8.12
C GLY A 93 8.08 -0.83 8.57
N ASP A 94 8.09 -2.09 8.16
CA ASP A 94 7.00 -2.96 8.57
C ASP A 94 7.49 -4.37 8.88
N VAL A 95 6.58 -5.25 9.30
CA VAL A 95 6.96 -6.61 9.66
C VAL A 95 7.31 -7.52 8.48
N VAL A 96 7.18 -7.02 7.26
CA VAL A 96 7.47 -7.85 6.09
C VAL A 96 8.68 -7.42 5.26
N ASN A 97 8.71 -6.17 4.85
CA ASN A 97 9.79 -5.71 3.99
C ASN A 97 11.03 -5.13 4.66
N GLY A 98 10.97 -4.96 5.98
CA GLY A 98 12.12 -4.40 6.69
C GLY A 98 11.71 -3.43 7.79
N ARG A 99 12.46 -3.41 8.89
CA ARG A 99 12.10 -2.53 10.00
C ARG A 99 12.54 -1.07 9.84
N ASN A 100 13.48 -0.84 8.93
CA ASN A 100 13.97 0.53 8.73
C ASN A 100 14.14 0.87 7.26
N HIS A 101 13.26 0.35 6.41
CA HIS A 101 13.38 0.63 4.98
C HIS A 101 13.04 2.08 4.59
N GLN A 102 12.34 2.79 5.47
CA GLN A 102 11.98 4.20 5.21
C GLN A 102 11.07 4.43 3.98
N GLY A 103 10.29 3.42 3.64
CA GLY A 103 9.39 3.52 2.49
C GLY A 103 8.48 4.75 2.54
N PRO A 104 7.83 5.00 3.69
CA PRO A 104 6.96 6.17 3.73
C PRO A 104 7.69 7.44 3.27
N LYS A 105 8.77 7.78 3.98
CA LYS A 105 9.56 8.97 3.69
C LYS A 105 10.06 9.02 2.25
N ARG A 106 10.38 7.86 1.68
CA ARG A 106 10.86 7.81 0.31
C ARG A 106 9.73 8.16 -0.64
N ALA A 107 8.53 7.70 -0.33
CA ALA A 107 7.37 7.99 -1.16
C ALA A 107 7.15 9.50 -1.20
N ARG A 108 7.20 10.13 -0.04
CA ARG A 108 7.02 11.57 0.08
C ARG A 108 8.07 12.36 -0.71
N GLU A 109 9.32 11.92 -0.61
CA GLU A 109 10.43 12.59 -1.28
C GLU A 109 10.64 12.13 -2.72
N SER A 110 9.79 11.22 -3.20
CA SER A 110 9.93 10.72 -4.57
C SER A 110 8.68 10.94 -5.42
N GLN A 111 7.83 11.86 -5.00
CA GLN A 111 6.61 12.14 -5.76
C GLN A 111 6.92 12.68 -7.17
N ASP A 112 8.14 13.16 -7.36
CA ASP A 112 8.54 13.68 -8.67
C ASP A 112 9.00 12.54 -9.58
N ARG A 113 9.32 11.39 -8.97
CA ARG A 113 9.77 10.23 -9.72
C ARG A 113 9.11 8.94 -9.23
N LYS A 114 7.85 8.74 -9.61
CA LYS A 114 7.10 7.56 -9.17
C LYS A 114 7.72 6.25 -9.64
N ILE A 115 7.81 5.29 -8.73
CA ILE A 115 8.41 4.00 -9.02
C ILE A 115 7.78 3.24 -10.17
N PHE A 116 6.46 3.37 -10.32
CA PHE A 116 5.76 2.65 -11.39
C PHE A 116 5.63 3.49 -12.67
N ARG A 117 6.46 4.52 -12.77
CA ARG A 117 6.47 5.40 -13.92
C ARG A 117 6.72 4.71 -15.24
N GLY A 118 5.81 4.87 -16.19
CA GLY A 118 5.98 4.26 -17.48
C GLY A 118 5.61 2.79 -17.54
N LEU A 119 4.84 2.33 -16.56
CA LEU A 119 4.43 0.93 -16.50
C LEU A 119 2.94 0.80 -16.75
N GLU A 120 2.56 -0.31 -17.38
CA GLU A 120 1.17 -0.61 -17.67
C GLU A 120 0.86 -1.89 -16.90
N ILE A 121 -0.09 -1.82 -15.98
CA ILE A 121 -0.43 -2.98 -15.13
C ILE A 121 -1.90 -3.39 -15.11
N CYS A 122 -2.15 -4.69 -15.24
CA CYS A 122 -3.51 -5.20 -15.18
C CYS A 122 -3.64 -6.21 -14.05
N CYS A 123 -4.41 -5.83 -13.03
CA CYS A 123 -4.64 -6.69 -11.89
C CYS A 123 -5.68 -7.70 -12.33
N TYR A 124 -5.18 -8.80 -12.86
CA TYR A 124 -6.02 -9.86 -13.40
C TYR A 124 -6.33 -10.96 -12.42
N GLY A 125 -7.59 -11.39 -12.41
CA GLY A 125 -8.00 -12.48 -11.54
C GLY A 125 -8.66 -12.07 -10.23
N PRO A 126 -8.91 -13.03 -9.33
CA PRO A 126 -9.54 -12.82 -8.02
C PRO A 126 -8.54 -12.24 -7.02
N PHE A 127 -9.04 -11.54 -6.00
CA PHE A 127 -8.19 -10.96 -4.96
C PHE A 127 -8.89 -10.94 -3.60
N THR A 128 -8.23 -11.53 -2.60
CA THR A 128 -8.79 -11.57 -1.26
C THR A 128 -8.29 -10.41 -0.38
N ASN A 129 -9.16 -9.92 0.50
CA ASN A 129 -8.84 -8.86 1.46
C ASN A 129 -8.48 -7.49 0.93
N MET A 130 -8.46 -7.34 -0.38
CA MET A 130 -8.10 -6.05 -0.95
C MET A 130 -8.80 -5.93 -2.29
N PRO A 131 -10.00 -5.32 -2.30
CA PRO A 131 -10.79 -5.13 -3.51
C PRO A 131 -9.88 -4.79 -4.68
N THR A 132 -10.10 -5.48 -5.79
CA THR A 132 -9.28 -5.27 -6.99
C THR A 132 -9.20 -3.81 -7.40
N ASP A 133 -10.24 -3.03 -7.08
CA ASP A 133 -10.25 -1.63 -7.43
C ASP A 133 -9.24 -0.84 -6.58
N GLN A 134 -9.01 -1.32 -5.36
CA GLN A 134 -8.05 -0.69 -4.46
C GLN A 134 -6.64 -0.96 -4.95
N LEU A 135 -6.40 -2.20 -5.37
CA LEU A 135 -5.10 -2.58 -5.89
C LEU A 135 -4.77 -1.75 -7.13
N GLU A 136 -5.82 -1.35 -7.85
CA GLU A 136 -5.64 -0.54 -9.06
C GLU A 136 -5.33 0.89 -8.68
N TRP A 137 -6.08 1.44 -7.75
CA TRP A 137 -5.85 2.80 -7.31
C TRP A 137 -4.42 2.89 -6.78
N MET A 138 -3.95 1.80 -6.17
CA MET A 138 -2.61 1.77 -5.63
C MET A 138 -1.54 1.85 -6.71
N VAL A 139 -1.71 1.09 -7.79
CA VAL A 139 -0.74 1.15 -8.88
C VAL A 139 -0.87 2.47 -9.64
N GLN A 140 -2.04 3.09 -9.58
CA GLN A 140 -2.26 4.37 -10.24
C GLN A 140 -1.46 5.45 -9.51
N LEU A 141 -1.75 5.60 -8.21
CA LEU A 141 -1.09 6.56 -7.33
C LEU A 141 0.42 6.46 -7.41
N CYS A 142 0.89 5.25 -7.69
CA CYS A 142 2.32 4.98 -7.80
C CYS A 142 2.85 5.25 -9.22
N GLY A 143 1.96 5.75 -10.07
CA GLY A 143 2.32 6.08 -11.44
C GLY A 143 2.01 5.07 -12.57
N ALA A 144 1.59 3.85 -12.28
CA ALA A 144 1.28 2.94 -13.36
C ALA A 144 0.06 3.36 -14.13
N SER A 145 -0.11 2.72 -15.28
CA SER A 145 -1.27 2.93 -16.14
C SER A 145 -2.08 1.65 -15.93
N VAL A 146 -3.36 1.79 -15.61
CA VAL A 146 -4.23 0.66 -15.36
C VAL A 146 -4.87 0.11 -16.61
N VAL A 147 -4.78 -1.21 -16.81
CA VAL A 147 -5.44 -1.83 -17.98
C VAL A 147 -6.51 -2.75 -17.41
N LYS A 148 -7.54 -3.02 -18.19
CA LYS A 148 -8.58 -3.94 -17.78
C LYS A 148 -9.00 -4.72 -19.03
N GLU A 149 -8.27 -5.81 -19.25
CA GLU A 149 -8.45 -6.69 -20.39
C GLU A 149 -7.06 -7.16 -20.80
N LEU A 150 -6.79 -8.45 -20.64
CA LEU A 150 -5.47 -9.00 -21.00
C LEU A 150 -5.01 -8.59 -22.39
N SER A 151 -5.91 -8.77 -23.36
CA SER A 151 -5.61 -8.44 -24.76
C SER A 151 -5.76 -6.95 -25.07
N SER A 152 -5.68 -6.11 -24.05
CA SER A 152 -5.85 -4.67 -24.24
C SER A 152 -4.59 -3.79 -24.17
N PHE A 153 -3.54 -4.27 -23.51
CA PHE A 153 -2.31 -3.49 -23.36
C PHE A 153 -1.84 -2.71 -24.61
N THR A 154 -1.19 -1.58 -24.38
CA THR A 154 -0.66 -0.74 -25.47
C THR A 154 0.55 -1.47 -26.09
N LEU A 155 0.49 -1.66 -27.41
CA LEU A 155 1.49 -2.42 -28.16
C LEU A 155 2.88 -1.88 -28.54
N GLY A 156 3.23 -0.66 -28.14
CA GLY A 156 4.53 -0.11 -28.51
C GLY A 156 5.66 -0.18 -27.49
N THR A 157 6.83 0.35 -27.86
CA THR A 157 8.04 0.33 -27.03
C THR A 157 8.40 1.46 -26.07
N GLY A 158 7.44 2.16 -25.48
CA GLY A 158 7.86 3.18 -24.54
C GLY A 158 7.11 2.81 -23.30
N VAL A 159 6.60 1.59 -23.34
CA VAL A 159 5.76 1.10 -22.29
C VAL A 159 5.98 -0.38 -21.92
N HIS A 160 6.01 -0.66 -20.62
CA HIS A 160 6.21 -2.03 -20.12
C HIS A 160 4.94 -2.57 -19.45
N PRO A 161 4.31 -3.58 -20.06
CA PRO A 161 3.07 -4.22 -19.58
C PRO A 161 3.33 -5.26 -18.48
N ILE A 162 2.51 -5.23 -17.44
CA ILE A 162 2.65 -6.17 -16.31
C ILE A 162 1.33 -6.77 -15.87
N VAL A 163 1.28 -8.10 -15.74
CA VAL A 163 0.08 -8.76 -15.29
C VAL A 163 0.28 -9.20 -13.83
N VAL A 164 -0.58 -8.72 -12.94
CA VAL A 164 -0.49 -9.04 -11.52
C VAL A 164 -1.63 -9.94 -11.05
N VAL A 165 -1.29 -11.04 -10.41
CA VAL A 165 -2.30 -11.98 -9.91
C VAL A 165 -1.99 -12.50 -8.50
N GLN A 166 -3.04 -12.94 -7.80
CA GLN A 166 -2.90 -13.50 -6.45
C GLN A 166 -3.18 -15.00 -6.63
N PRO A 167 -2.13 -15.79 -6.86
CA PRO A 167 -2.24 -17.24 -7.07
C PRO A 167 -3.17 -18.01 -6.13
N ASP A 168 -3.14 -17.68 -4.85
CA ASP A 168 -4.00 -18.42 -3.91
C ASP A 168 -5.43 -17.92 -3.88
N ALA A 169 -5.77 -17.10 -4.89
CA ALA A 169 -7.11 -16.51 -4.90
C ALA A 169 -7.95 -17.25 -5.96
N TRP A 170 -7.61 -18.52 -6.15
CA TRP A 170 -8.34 -19.38 -7.09
C TRP A 170 -8.06 -20.88 -6.97
N THR A 171 -9.06 -21.68 -7.32
CA THR A 171 -8.93 -23.13 -7.27
C THR A 171 -9.79 -23.93 -8.25
N GLU A 172 -7.09 -24.76 -6.59
CA GLU A 172 -6.41 -25.77 -5.79
C GLU A 172 -6.26 -26.82 -6.86
N ASP A 173 -6.25 -26.25 -8.06
CA ASP A 173 -6.06 -26.93 -9.33
C ASP A 173 -5.45 -25.71 -10.02
N ASN A 174 -4.70 -25.91 -11.08
CA ASN A 174 -4.10 -24.76 -11.74
C ASN A 174 -4.98 -24.03 -12.73
N GLY A 175 -4.39 -23.17 -13.56
CA GLY A 175 -5.15 -22.44 -14.55
C GLY A 175 -4.67 -21.05 -14.90
N PHE A 176 -3.62 -20.56 -14.23
CA PHE A 176 -3.09 -19.22 -14.53
C PHE A 176 -1.63 -19.28 -14.94
N HIS A 177 -1.11 -20.48 -15.16
CA HIS A 177 0.23 -20.62 -15.68
C HIS A 177 -0.14 -20.54 -17.15
N ALA A 178 -1.37 -20.10 -17.41
CA ALA A 178 -1.88 -19.99 -18.75
C ALA A 178 -2.37 -18.60 -19.13
N ILE A 179 -1.80 -17.58 -18.50
CA ILE A 179 -2.22 -16.23 -18.83
C ILE A 179 -1.34 -15.71 -19.97
N GLY A 180 -0.31 -16.48 -20.29
CA GLY A 180 0.59 -16.11 -21.37
C GLY A 180 -0.14 -16.21 -22.68
N GLN A 181 -0.89 -17.30 -22.84
CA GLN A 181 -1.66 -17.55 -24.05
C GLN A 181 -2.65 -16.42 -24.35
N MET A 182 -2.75 -15.45 -23.44
CA MET A 182 -3.66 -14.34 -23.67
C MET A 182 -2.89 -13.01 -23.78
N CYS A 183 -1.56 -13.07 -23.73
CA CYS A 183 -0.70 -11.88 -23.85
C CYS A 183 0.80 -12.18 -23.84
N GLU A 184 1.61 -11.14 -24.00
CA GLU A 184 3.07 -11.30 -24.00
C GLU A 184 3.65 -10.66 -22.72
N ALA A 185 2.79 -10.11 -21.87
CA ALA A 185 3.21 -9.46 -20.64
C ALA A 185 3.67 -10.42 -19.54
N PRO A 186 4.69 -10.02 -18.77
CA PRO A 186 5.14 -10.91 -17.70
C PRO A 186 4.08 -10.97 -16.61
N VAL A 187 3.93 -12.12 -15.97
CA VAL A 187 2.92 -12.26 -14.92
C VAL A 187 3.62 -12.40 -13.56
N VAL A 188 3.21 -11.57 -12.61
CA VAL A 188 3.82 -11.58 -11.28
C VAL A 188 2.79 -11.66 -10.16
N THR A 189 3.19 -12.22 -9.02
CA THR A 189 2.28 -12.32 -7.89
C THR A 189 2.05 -10.92 -7.40
N ARG A 190 0.96 -10.76 -6.66
CA ARG A 190 0.58 -9.48 -6.10
C ARG A 190 1.67 -8.92 -5.18
N GLU A 191 2.53 -9.81 -4.68
CA GLU A 191 3.61 -9.39 -3.80
C GLU A 191 4.58 -8.44 -4.47
N TRP A 192 4.70 -8.54 -5.80
CA TRP A 192 5.60 -7.64 -6.52
C TRP A 192 5.15 -6.19 -6.30
N VAL A 193 3.84 -5.96 -6.29
CA VAL A 193 3.31 -4.61 -6.05
C VAL A 193 3.42 -4.25 -4.57
N LEU A 194 2.95 -5.14 -3.69
CA LEU A 194 3.01 -4.82 -2.28
C LEU A 194 4.43 -4.53 -1.81
N ASP A 195 5.38 -5.37 -2.21
CA ASP A 195 6.76 -5.12 -1.78
C ASP A 195 7.32 -3.82 -2.33
N SER A 196 7.17 -3.62 -3.64
CA SER A 196 7.64 -2.40 -4.28
C SER A 196 7.05 -1.15 -3.64
N VAL A 197 5.75 -1.18 -3.36
CA VAL A 197 5.10 -0.03 -2.76
C VAL A 197 5.53 0.22 -1.32
N ALA A 198 5.61 -0.84 -0.54
CA ALA A 198 6.02 -0.70 0.86
C ALA A 198 7.42 -0.12 0.97
N LEU A 199 8.32 -0.55 0.09
CA LEU A 199 9.70 -0.05 0.10
C LEU A 199 9.79 1.21 -0.75
N TYR A 200 8.75 1.42 -1.56
CA TYR A 200 8.64 2.51 -2.52
C TYR A 200 9.84 2.50 -3.43
N GLN A 201 10.07 1.34 -4.03
CA GLN A 201 11.16 1.11 -4.96
C GLN A 201 10.68 -0.02 -5.84
N CYS A 202 10.58 0.23 -7.14
CA CYS A 202 10.14 -0.79 -8.06
C CYS A 202 11.09 -1.98 -7.92
N GLN A 203 10.52 -3.16 -7.70
CA GLN A 203 11.32 -4.36 -7.51
C GLN A 203 11.51 -5.14 -8.81
N GLU A 204 12.54 -5.98 -8.85
CA GLU A 204 12.80 -6.81 -10.03
C GLU A 204 11.69 -7.85 -10.03
N LEU A 205 11.16 -8.17 -11.20
CA LEU A 205 10.06 -9.12 -11.32
C LEU A 205 10.50 -10.56 -11.07
N ASP A 206 11.80 -10.81 -11.22
CA ASP A 206 12.40 -12.12 -11.08
C ASP A 206 11.81 -13.09 -10.05
N THR A 207 11.87 -12.73 -8.77
CA THR A 207 11.38 -13.62 -7.72
C THR A 207 9.85 -13.68 -7.63
N TYR A 208 9.18 -12.83 -8.43
CA TYR A 208 7.72 -12.78 -8.43
C TYR A 208 7.10 -13.38 -9.71
N LEU A 209 7.94 -13.70 -10.69
CA LEU A 209 7.47 -14.27 -11.96
C LEU A 209 6.77 -15.60 -11.80
N ILE A 210 5.69 -15.78 -12.55
CA ILE A 210 4.91 -16.99 -12.51
C ILE A 210 5.08 -17.80 -13.81
N PRO A 211 5.67 -19.00 -13.74
CA PRO A 211 5.86 -19.82 -14.94
C PRO A 211 4.59 -19.98 -15.80
N GLN A 212 4.69 -19.59 -17.07
CA GLN A 212 3.56 -19.64 -18.03
C GLN A 212 3.74 -20.69 -19.15
N ILE A 213 2.72 -21.53 -19.36
CA ILE A 213 2.66 -22.58 -20.41
C ILE A 213 2.79 -21.87 -21.78
N PRO A 214 2.77 -22.60 -22.92
CA PRO A 214 2.88 -21.82 -24.16
C PRO A 214 1.55 -21.30 -24.71
N ILE B 1 0.88 -6.75 16.05
CA ILE B 1 0.82 -5.28 16.31
C ILE B 1 -0.60 -4.75 16.03
N SER B 2 -1.05 -4.94 14.80
CA SER B 2 -2.38 -4.46 14.40
C SER B 2 -3.48 -5.17 15.22
N ARG B 3 -4.33 -4.37 15.88
CA ARG B 3 -5.41 -4.90 16.71
C ARG B 3 -6.79 -4.53 16.19
N SER B 4 -6.94 -4.29 14.89
CA SER B 4 -8.25 -3.94 14.35
C SER B 4 -8.75 -5.09 13.51
N THR B 5 -9.89 -4.90 12.86
CA THR B 5 -10.49 -5.90 11.98
C THR B 5 -9.83 -5.83 10.61
N SEP B 6 -8.97 -4.84 10.43
CA SEP B 6 -8.28 -4.64 9.16
CB SEP B 6 -7.46 -3.37 9.19
OG SEP B 6 -8.34 -2.22 9.10
C SEP B 6 -7.34 -5.76 8.80
O SEP B 6 -6.40 -6.04 9.52
P SEP B 6 -7.79 -0.78 9.52
O1P SEP B 6 -8.95 0.19 9.45
O2P SEP B 6 -7.38 -0.73 10.93
O3P SEP B 6 -6.58 -0.58 8.70
N PRO B 7 -7.52 -6.33 7.59
CA PRO B 7 -6.67 -7.44 7.12
C PRO B 7 -5.22 -6.98 6.99
N THR B 8 -4.28 -7.89 7.18
CA THR B 8 -2.87 -7.60 7.04
C THR B 8 -2.37 -8.50 5.93
N PHE B 9 -1.32 -8.05 5.24
CA PHE B 9 -0.74 -8.81 4.14
C PHE B 9 0.71 -9.00 4.52
N ASN B 10 1.00 -10.17 5.07
CA ASN B 10 2.36 -10.46 5.48
C ASN B 10 2.82 -11.68 4.75
N LYS B 11 1.99 -12.13 3.81
CA LYS B 11 2.30 -13.35 3.10
C LYS B 11 1.23 -13.63 2.09
N GLN B 12 1.70 -14.40 1.13
CA GLN B 12 1.05 -14.95 -0.03
C GLN B 12 2.32 -15.21 -0.89
#